data_6KW6
#
_entry.id   6KW6
#
_cell.length_a   67.773
_cell.length_b   74.259
_cell.length_c   52.785
_cell.angle_alpha   90.000
_cell.angle_beta   106.570
_cell.angle_gamma   90.000
#
_symmetry.space_group_name_H-M   'C 1 2 1'
#
loop_
_entity.id
_entity.type
_entity.pdbx_description
1 polymer 'cytidine deaminase'
2 non-polymer 'ZINC ION'
3 water water
#
_entity_poly.entity_id   1
_entity_poly.type   'polypeptide(L)'
_entity_poly.pdbx_seq_one_letter_code
;MTHDVPVTIDWPALRTQARDAMSRAYAPYSGYPVGAAALVDDGRTVTGCNVENASYGLGLCAECGLVSALFASGGGRLTA
FTCVDGKGELLVPCGRCRQLLHEHGGPDLLVDTAAGIRPLAALLPDAFGPGHLTR
;
_entity_poly.pdbx_strand_id   A,B
#
loop_
_chem_comp.id
_chem_comp.type
_chem_comp.name
_chem_comp.formula
ZN non-polymer 'ZINC ION' 'Zn 2'
#
# COMPACT_ATOMS: atom_id res chain seq x y z
N ILE A 9 -17.67 -8.68 16.32
CA ILE A 9 -17.08 -7.63 15.49
C ILE A 9 -17.79 -6.30 15.72
N ASP A 10 -17.02 -5.27 16.03
CA ASP A 10 -17.54 -3.93 16.23
C ASP A 10 -17.54 -3.23 14.87
N TRP A 11 -18.62 -3.43 14.10
CA TRP A 11 -18.69 -2.85 12.77
C TRP A 11 -18.74 -1.32 12.78
N PRO A 12 -19.45 -0.68 13.70
CA PRO A 12 -19.36 0.80 13.76
C PRO A 12 -17.94 1.31 13.98
N ALA A 13 -17.16 0.68 14.86
CA ALA A 13 -15.79 1.12 15.07
C ALA A 13 -14.94 0.89 13.82
N LEU A 14 -15.19 -0.21 13.10
CA LEU A 14 -14.46 -0.45 11.86
C LEU A 14 -14.83 0.58 10.79
N ARG A 15 -16.13 0.93 10.70
CA ARG A 15 -16.55 1.94 9.75
C ARG A 15 -15.94 3.31 10.07
N THR A 16 -15.84 3.64 11.36
CA THR A 16 -15.22 4.91 11.76
C THR A 16 -13.76 4.96 11.30
N GLN A 17 -13.04 3.84 11.46
CA GLN A 17 -11.66 3.76 11.01
C GLN A 17 -11.56 3.92 9.50
N ALA A 18 -12.46 3.28 8.74
CA ALA A 18 -12.40 3.42 7.29
C ALA A 18 -12.67 4.86 6.88
N ARG A 19 -13.60 5.53 7.57
CA ARG A 19 -13.90 6.92 7.23
C ARG A 19 -12.73 7.83 7.56
N ASP A 20 -12.07 7.59 8.70
CA ASP A 20 -10.82 8.27 9.04
C ASP A 20 -9.78 8.10 7.93
N ALA A 21 -9.58 6.85 7.49
CA ALA A 21 -8.61 6.61 6.43
C ALA A 21 -9.03 7.30 5.13
N MET A 22 -10.33 7.29 4.83
CA MET A 22 -10.81 7.94 3.61
C MET A 22 -10.43 9.42 3.59
N SER A 23 -10.47 10.08 4.75
CA SER A 23 -10.16 11.52 4.79
C SER A 23 -8.70 11.81 4.47
N ARG A 24 -7.84 10.81 4.43
CA ARG A 24 -6.42 10.97 4.11
C ARG A 24 -6.09 10.65 2.66
N ALA A 25 -7.09 10.30 1.86
CA ALA A 25 -6.86 9.76 0.52
C ALA A 25 -6.24 10.82 -0.40
N TYR A 26 -5.57 10.33 -1.44
CA TYR A 26 -5.01 11.16 -2.51
C TYR A 26 -5.78 10.83 -3.78
N ALA A 27 -6.87 11.56 -4.00
CA ALA A 27 -7.72 11.31 -5.18
C ALA A 27 -8.02 12.62 -5.91
N PRO A 28 -6.99 13.37 -6.31
CA PRO A 28 -7.24 14.65 -7.00
C PRO A 28 -7.70 14.49 -8.43
N TYR A 29 -7.55 13.31 -9.03
CA TYR A 29 -7.94 13.15 -10.44
C TYR A 29 -9.42 12.79 -10.57
N SER A 30 -9.93 11.91 -9.73
CA SER A 30 -11.36 11.61 -9.73
C SER A 30 -12.13 12.46 -8.74
N GLY A 31 -11.47 13.01 -7.73
CA GLY A 31 -12.19 13.64 -6.64
C GLY A 31 -13.02 12.66 -5.83
N TYR A 32 -12.66 11.37 -5.86
CA TYR A 32 -13.45 10.31 -5.24
C TYR A 32 -12.60 9.59 -4.20
N PRO A 33 -12.48 10.13 -2.99
CA PRO A 33 -11.69 9.47 -1.95
C PRO A 33 -12.37 8.20 -1.45
N VAL A 34 -11.55 7.23 -1.05
CA VAL A 34 -12.02 5.95 -0.53
C VAL A 34 -11.15 5.55 0.66
N GLY A 35 -11.76 5.02 1.70
CA GLY A 35 -11.01 4.46 2.81
C GLY A 35 -11.48 3.06 3.08
N ALA A 36 -10.57 2.23 3.58
CA ALA A 36 -10.94 0.87 3.97
C ALA A 36 -10.32 0.56 5.32
N ALA A 37 -10.97 -0.36 6.05
CA ALA A 37 -10.45 -0.82 7.32
C ALA A 37 -10.77 -2.30 7.47
N ALA A 38 -9.86 -3.03 8.13
CA ALA A 38 -10.05 -4.45 8.31
C ALA A 38 -9.51 -4.88 9.66
N LEU A 39 -10.19 -5.87 10.23
CA LEU A 39 -9.73 -6.55 11.44
C LEU A 39 -8.82 -7.69 11.05
N VAL A 40 -7.68 -7.79 11.72
CA VAL A 40 -6.74 -8.87 11.52
C VAL A 40 -7.03 -9.92 12.59
N ASP A 41 -6.61 -11.16 12.29
CA ASP A 41 -6.88 -12.28 13.19
C ASP A 41 -6.27 -12.13 14.56
N ASP A 42 -5.22 -11.32 14.71
CA ASP A 42 -4.68 -11.03 16.04
C ASP A 42 -5.45 -9.93 16.77
N GLY A 43 -6.44 -9.30 16.13
CA GLY A 43 -7.28 -8.35 16.80
C GLY A 43 -7.03 -6.89 16.44
N ARG A 44 -5.89 -6.58 15.82
CA ARG A 44 -5.61 -5.20 15.45
C ARG A 44 -6.34 -4.82 14.17
N THR A 45 -6.45 -3.52 13.93
CA THR A 45 -7.11 -2.98 12.74
C THR A 45 -6.04 -2.43 11.80
N VAL A 46 -6.21 -2.68 10.50
CA VAL A 46 -5.37 -2.04 9.50
C VAL A 46 -6.27 -1.23 8.57
N THR A 47 -5.71 -0.19 7.95
CA THR A 47 -6.48 0.72 7.12
C THR A 47 -5.73 1.02 5.84
N GLY A 48 -6.47 1.55 4.86
CA GLY A 48 -5.86 2.03 3.64
C GLY A 48 -6.72 3.11 3.05
N CYS A 49 -6.09 3.94 2.22
CA CYS A 49 -6.84 4.93 1.45
C CYS A 49 -6.35 4.85 0.01
N ASN A 50 -7.18 5.29 -0.93
CA ASN A 50 -6.73 5.20 -2.30
C ASN A 50 -5.73 6.31 -2.59
N VAL A 51 -4.84 6.04 -3.54
CA VAL A 51 -3.81 6.97 -3.99
C VAL A 51 -3.82 6.94 -5.51
N GLU A 52 -4.32 7.99 -6.14
CA GLU A 52 -4.40 8.03 -7.58
C GLU A 52 -3.07 8.49 -8.17
N ASN A 53 -2.95 8.34 -9.48
CA ASN A 53 -1.72 8.72 -10.18
C ASN A 53 -2.10 9.41 -11.49
N ALA A 54 -1.23 10.32 -11.94
CA ALA A 54 -1.47 10.99 -13.22
C ALA A 54 -1.69 9.98 -14.33
N SER A 55 -0.96 8.86 -14.29
CA SER A 55 -1.26 7.69 -15.12
C SER A 55 -2.30 6.88 -14.38
N TYR A 56 -3.56 6.96 -14.84
CA TYR A 56 -4.69 6.43 -14.07
C TYR A 56 -4.48 4.98 -13.68
N GLY A 57 -3.98 4.17 -14.61
CA GLY A 57 -3.81 2.75 -14.39
C GLY A 57 -2.82 2.41 -13.31
N LEU A 58 -2.08 3.38 -12.81
CA LEU A 58 -1.14 3.17 -11.71
C LEU A 58 -1.76 3.52 -10.36
N GLY A 59 -3.03 3.91 -10.34
CA GLY A 59 -3.67 4.23 -9.07
C GLY A 59 -3.76 3.00 -8.17
N LEU A 60 -3.65 3.25 -6.87
CA LEU A 60 -3.77 2.20 -5.87
C LEU A 60 -5.12 2.34 -5.16
N CYS A 61 -5.89 1.24 -5.11
CA CYS A 61 -7.15 1.30 -4.36
C CYS A 61 -6.86 1.33 -2.86
N ALA A 62 -7.87 1.73 -2.08
CA ALA A 62 -7.72 1.68 -0.62
C ALA A 62 -7.39 0.27 -0.16
N GLU A 63 -7.95 -0.74 -0.80
CA GLU A 63 -7.67 -2.10 -0.37
C GLU A 63 -6.23 -2.50 -0.67
N CYS A 64 -5.62 -1.94 -1.73
CA CYS A 64 -4.19 -2.14 -1.96
C CYS A 64 -3.37 -1.64 -0.79
N GLY A 65 -3.62 -0.39 -0.38
CA GLY A 65 -2.91 0.15 0.76
C GLY A 65 -3.20 -0.62 2.03
N LEU A 66 -4.42 -1.14 2.17
CA LEU A 66 -4.73 -1.93 3.35
C LEU A 66 -3.90 -3.21 3.41
N VAL A 67 -3.78 -3.92 2.29
CA VAL A 67 -2.98 -5.14 2.26
C VAL A 67 -1.50 -4.83 2.47
N SER A 68 -1.01 -3.73 1.88
CA SER A 68 0.36 -3.28 2.16
C SER A 68 0.56 -3.04 3.65
N ALA A 69 -0.40 -2.38 4.30
CA ALA A 69 -0.30 -2.11 5.73
C ALA A 69 -0.40 -3.39 6.56
N LEU A 70 -1.17 -4.37 6.09
CA LEU A 70 -1.25 -5.65 6.78
C LEU A 70 0.14 -6.23 7.00
N PHE A 71 0.95 -6.28 5.94
CA PHE A 71 2.27 -6.87 6.10
C PHE A 71 3.27 -5.90 6.71
N ALA A 72 3.14 -4.61 6.44
CA ALA A 72 4.00 -3.63 7.10
C ALA A 72 3.87 -3.70 8.61
N SER A 73 2.70 -4.09 9.11
CA SER A 73 2.46 -4.19 10.54
C SER A 73 2.63 -5.61 11.07
N GLY A 74 3.21 -6.52 10.29
CA GLY A 74 3.56 -7.84 10.78
C GLY A 74 2.76 -8.98 10.21
N GLY A 75 1.89 -8.74 9.23
CA GLY A 75 1.17 -9.82 8.60
C GLY A 75 -0.02 -10.29 9.39
N GLY A 76 -0.55 -11.43 8.97
CA GLY A 76 -1.76 -11.98 9.55
C GLY A 76 -2.78 -12.25 8.48
N ARG A 77 -3.96 -12.66 8.94
CA ARG A 77 -5.11 -12.95 8.09
C ARG A 77 -6.22 -11.95 8.39
N LEU A 78 -6.91 -11.49 7.35
CA LEU A 78 -8.02 -10.56 7.54
C LEU A 78 -9.29 -11.34 7.87
N THR A 79 -10.08 -10.81 8.82
CA THR A 79 -11.32 -11.46 9.24
C THR A 79 -12.58 -10.66 8.98
N ALA A 80 -12.49 -9.32 8.93
CA ALA A 80 -13.64 -8.47 8.69
C ALA A 80 -13.17 -7.24 7.92
N PHE A 81 -13.99 -6.75 7.00
CA PHE A 81 -13.56 -5.69 6.11
C PHE A 81 -14.68 -4.69 5.85
N THR A 82 -14.34 -3.39 5.86
CA THR A 82 -15.29 -2.35 5.50
C THR A 82 -14.59 -1.32 4.62
N CYS A 83 -15.32 -0.81 3.64
CA CYS A 83 -14.85 0.20 2.69
C CYS A 83 -15.90 1.29 2.57
N VAL A 84 -15.48 2.56 2.56
CA VAL A 84 -16.45 3.67 2.51
C VAL A 84 -15.96 4.74 1.54
N ASP A 85 -16.93 5.44 0.93
CA ASP A 85 -16.63 6.52 0.01
C ASP A 85 -16.63 7.85 0.76
N GLY A 86 -16.60 8.96 0.02
CA GLY A 86 -16.42 10.28 0.61
C GLY A 86 -17.59 10.79 1.39
N LYS A 87 -18.77 10.18 1.25
CA LYS A 87 -19.93 10.56 2.06
C LYS A 87 -20.29 9.50 3.09
N GLY A 88 -19.39 8.55 3.36
CA GLY A 88 -19.63 7.53 4.36
C GLY A 88 -20.47 6.36 3.91
N GLU A 89 -20.75 6.23 2.62
CA GLU A 89 -21.50 5.09 2.12
C GLU A 89 -20.62 3.86 2.01
N LEU A 90 -21.18 2.70 2.33
CA LEU A 90 -20.45 1.45 2.20
C LEU A 90 -20.24 1.10 0.73
N LEU A 91 -19.02 0.74 0.37
CA LEU A 91 -18.67 0.37 -0.99
C LEU A 91 -18.27 -1.10 -1.05
N VAL A 92 -18.63 -1.76 -2.14
CA VAL A 92 -18.14 -3.12 -2.39
C VAL A 92 -16.84 -3.02 -3.17
N PRO A 93 -15.77 -3.67 -2.72
CA PRO A 93 -14.50 -3.63 -3.45
C PRO A 93 -14.68 -4.01 -4.91
N CYS A 94 -13.86 -3.42 -5.78
CA CYS A 94 -13.81 -3.87 -7.16
C CYS A 94 -13.25 -5.28 -7.23
N GLY A 95 -13.34 -5.89 -8.41
CA GLY A 95 -12.90 -7.27 -8.57
C GLY A 95 -11.43 -7.45 -8.22
N ARG A 96 -10.57 -6.49 -8.61
CA ARG A 96 -9.15 -6.60 -8.28
C ARG A 96 -8.95 -6.69 -6.77
N CYS A 97 -9.59 -5.79 -6.02
CA CYS A 97 -9.48 -5.78 -4.58
C CYS A 97 -10.14 -7.01 -3.94
N ARG A 98 -11.22 -7.53 -4.52
CA ARG A 98 -11.76 -8.81 -4.04
C ARG A 98 -10.72 -9.90 -4.11
N GLN A 99 -9.89 -9.90 -5.17
CA GLN A 99 -8.87 -10.92 -5.29
C GLN A 99 -7.77 -10.73 -4.27
N LEU A 100 -7.37 -9.47 -4.02
CA LEU A 100 -6.39 -9.20 -2.96
C LEU A 100 -6.92 -9.66 -1.61
N LEU A 101 -8.18 -9.37 -1.31
CA LEU A 101 -8.76 -9.79 -0.03
C LEU A 101 -8.89 -11.30 0.05
N HIS A 102 -9.14 -11.96 -1.06
CA HIS A 102 -9.21 -13.42 -1.05
C HIS A 102 -7.87 -14.03 -0.65
N GLU A 103 -6.77 -13.47 -1.16
CA GLU A 103 -5.45 -13.99 -0.83
C GLU A 103 -5.19 -13.95 0.67
N HIS A 104 -5.64 -12.88 1.35
CA HIS A 104 -5.27 -12.64 2.74
C HIS A 104 -6.41 -12.82 3.73
N GLY A 105 -7.62 -13.06 3.25
CA GLY A 105 -8.75 -13.31 4.13
C GLY A 105 -9.48 -14.59 3.76
N GLY A 106 -9.46 -14.94 2.48
CA GLY A 106 -10.10 -16.14 2.03
C GLY A 106 -11.61 -16.00 1.93
N PRO A 107 -12.28 -17.10 1.58
CA PRO A 107 -13.75 -17.04 1.39
C PRO A 107 -14.52 -16.70 2.65
N ASP A 108 -13.93 -16.90 3.84
CA ASP A 108 -14.65 -16.64 5.08
C ASP A 108 -14.57 -15.18 5.52
N LEU A 109 -13.72 -14.37 4.90
CA LEU A 109 -13.66 -12.95 5.24
C LEU A 109 -15.04 -12.31 5.15
N LEU A 110 -15.41 -11.57 6.21
CA LEU A 110 -16.70 -10.87 6.24
C LEU A 110 -16.56 -9.48 5.66
N VAL A 111 -17.46 -9.14 4.73
CA VAL A 111 -17.42 -7.87 4.01
C VAL A 111 -18.69 -7.10 4.32
N ASP A 112 -18.52 -5.88 4.83
CA ASP A 112 -19.61 -4.98 5.22
C ASP A 112 -20.17 -4.31 3.95
N THR A 113 -21.41 -4.62 3.57
CA THR A 113 -22.00 -4.03 2.38
C THR A 113 -23.38 -3.46 2.70
N ALA A 114 -23.91 -2.68 1.74
CA ALA A 114 -25.25 -2.12 1.90
C ALA A 114 -26.32 -3.20 1.93
N ALA A 115 -26.04 -4.39 1.39
CA ALA A 115 -26.95 -5.51 1.50
C ALA A 115 -26.76 -6.32 2.79
N GLY A 116 -25.85 -5.89 3.66
CA GLY A 116 -25.56 -6.59 4.90
C GLY A 116 -24.14 -7.14 4.89
N ILE A 117 -23.86 -7.92 5.93
CA ILE A 117 -22.56 -8.58 6.03
C ILE A 117 -22.55 -9.79 5.11
N ARG A 118 -21.64 -9.79 4.14
CA ARG A 118 -21.54 -10.89 3.19
C ARG A 118 -20.15 -11.53 3.27
N PRO A 119 -20.06 -12.86 3.25
CA PRO A 119 -18.75 -13.49 3.14
C PRO A 119 -18.16 -13.24 1.78
N LEU A 120 -16.83 -13.17 1.72
CA LEU A 120 -16.18 -12.92 0.43
C LEU A 120 -16.50 -14.02 -0.57
N ALA A 121 -16.74 -15.24 -0.10
CA ALA A 121 -17.13 -16.34 -0.98
C ALA A 121 -18.32 -15.96 -1.86
N ALA A 122 -19.26 -15.19 -1.31
CA ALA A 122 -20.44 -14.80 -2.07
C ALA A 122 -20.16 -13.64 -3.02
N LEU A 123 -19.08 -12.91 -2.81
CA LEU A 123 -18.69 -11.79 -3.67
C LEU A 123 -17.66 -12.16 -4.72
N LEU A 124 -16.93 -13.26 -4.50
CA LEU A 124 -15.92 -13.73 -5.46
C LEU A 124 -15.86 -15.24 -5.36
N PRO A 125 -16.87 -15.95 -5.85
CA PRO A 125 -16.86 -17.41 -5.78
C PRO A 125 -15.75 -18.00 -6.65
N ASP A 126 -15.28 -19.19 -6.25
CA ASP A 126 -14.37 -20.00 -7.06
C ASP A 126 -13.14 -19.20 -7.51
N ALA A 127 -12.47 -18.58 -6.53
CA ALA A 127 -11.32 -17.73 -6.85
C ALA A 127 -10.02 -18.50 -6.85
N ILE B 9 20.25 14.04 5.72
CA ILE B 9 19.75 12.69 5.44
C ILE B 9 20.70 11.65 5.99
N ASP B 10 20.16 10.75 6.81
CA ASP B 10 20.93 9.64 7.38
C ASP B 10 20.65 8.41 6.51
N TRP B 11 21.46 8.22 5.47
CA TRP B 11 21.23 7.10 4.56
C TRP B 11 21.37 5.74 5.24
N PRO B 12 22.36 5.48 6.11
CA PRO B 12 22.37 4.18 6.80
C PRO B 12 21.12 3.93 7.63
N ALA B 13 20.56 4.95 8.27
CA ALA B 13 19.35 4.73 9.06
C ALA B 13 18.16 4.43 8.15
N LEU B 14 18.10 5.09 6.99
CA LEU B 14 17.03 4.81 6.03
C LEU B 14 17.16 3.39 5.47
N ARG B 15 18.39 2.96 5.14
CA ARG B 15 18.59 1.61 4.64
C ARG B 15 18.23 0.57 5.69
N THR B 16 18.53 0.87 6.96
CA THR B 16 18.13 -0.03 8.04
C THR B 16 16.63 -0.19 8.11
N GLN B 17 15.87 0.91 7.98
CA GLN B 17 14.42 0.79 7.95
C GLN B 17 13.94 -0.02 6.75
N ALA B 18 14.62 0.11 5.61
CA ALA B 18 14.23 -0.66 4.43
C ALA B 18 14.49 -2.15 4.62
N ARG B 19 15.64 -2.51 5.19
CA ARG B 19 15.90 -3.93 5.45
C ARG B 19 14.91 -4.50 6.45
N ASP B 20 14.53 -3.74 7.47
CA ASP B 20 13.50 -4.20 8.40
C ASP B 20 12.17 -4.44 7.69
N ALA B 21 11.80 -3.53 6.80
CA ALA B 21 10.58 -3.70 6.02
C ALA B 21 10.66 -4.93 5.14
N MET B 22 11.84 -5.17 4.54
CA MET B 22 12.02 -6.33 3.67
C MET B 22 11.73 -7.63 4.42
N SER B 23 12.06 -7.69 5.71
CA SER B 23 11.84 -8.89 6.49
C SER B 23 10.35 -9.19 6.67
N ARG B 24 9.48 -8.21 6.41
CA ARG B 24 8.05 -8.35 6.61
C ARG B 24 7.30 -8.67 5.31
N ALA B 25 8.01 -8.78 4.20
CA ALA B 25 7.38 -8.88 2.88
C ALA B 25 6.61 -10.19 2.73
N TYR B 26 5.62 -10.17 1.84
CA TYR B 26 4.87 -11.36 1.44
C TYR B 26 5.26 -11.67 0.00
N ALA B 27 6.23 -12.55 -0.20
CA ALA B 27 6.71 -12.89 -1.54
C ALA B 27 6.88 -14.40 -1.70
N PRO B 28 5.83 -15.17 -1.44
CA PRO B 28 5.97 -16.64 -1.55
C PRO B 28 6.05 -17.13 -2.98
N TYR B 29 5.66 -16.33 -3.97
CA TYR B 29 5.63 -16.80 -5.35
C TYR B 29 6.97 -16.65 -6.05
N SER B 30 7.66 -15.52 -5.82
CA SER B 30 8.98 -15.31 -6.39
C SER B 30 10.10 -15.67 -5.43
N GLY B 31 9.82 -15.77 -4.14
CA GLY B 31 10.87 -15.89 -3.14
C GLY B 31 11.79 -14.70 -3.10
N TYR B 32 11.30 -13.52 -3.48
CA TYR B 32 12.12 -12.32 -3.69
C TYR B 32 11.52 -11.17 -2.88
N PRO B 33 11.80 -11.11 -1.59
CA PRO B 33 11.22 -10.04 -0.76
C PRO B 33 11.94 -8.72 -1.00
N VAL B 34 11.19 -7.63 -0.91
CA VAL B 34 11.73 -6.29 -1.13
C VAL B 34 11.21 -5.37 -0.02
N GLY B 35 12.08 -4.52 0.49
CA GLY B 35 11.65 -3.49 1.42
C GLY B 35 12.10 -2.13 0.92
N ALA B 36 11.32 -1.12 1.27
CA ALA B 36 11.65 0.24 0.88
C ALA B 36 11.39 1.18 2.05
N ALA B 37 12.14 2.28 2.08
CA ALA B 37 11.93 3.29 3.09
C ALA B 37 12.18 4.64 2.47
N ALA B 38 11.48 5.65 2.96
CA ALA B 38 11.62 7.00 2.43
C ALA B 38 11.50 8.01 3.54
N LEU B 39 12.20 9.11 3.36
CA LEU B 39 12.09 10.26 4.24
C LEU B 39 11.05 11.22 3.66
N VAL B 40 10.13 11.66 4.51
CA VAL B 40 9.12 12.62 4.11
C VAL B 40 9.61 14.00 4.50
N ASP B 41 9.10 15.02 3.81
CA ASP B 41 9.60 16.38 3.99
C ASP B 41 9.31 16.93 5.38
N ASP B 42 8.45 16.28 6.17
CA ASP B 42 8.25 16.66 7.57
C ASP B 42 9.21 15.96 8.53
N GLY B 43 10.09 15.10 8.02
CA GLY B 43 11.10 14.44 8.84
C GLY B 43 10.81 13.00 9.18
N ARG B 44 9.59 12.53 9.02
CA ARG B 44 9.28 11.15 9.37
C ARG B 44 9.69 10.20 8.26
N THR B 45 9.79 8.92 8.61
CA THR B 45 10.12 7.86 7.68
C THR B 45 8.88 7.00 7.43
N VAL B 46 8.66 6.61 6.19
CA VAL B 46 7.60 5.67 5.83
C VAL B 46 8.25 4.50 5.13
N THR B 47 7.63 3.31 5.22
CA THR B 47 8.23 2.11 4.67
C THR B 47 7.19 1.29 3.92
N GLY B 48 7.66 0.39 3.07
CA GLY B 48 6.79 -0.56 2.41
C GLY B 48 7.50 -1.86 2.16
N CYS B 49 6.72 -2.92 2.00
CA CYS B 49 7.26 -4.21 1.58
C CYS B 49 6.41 -4.76 0.45
N ASN B 50 7.00 -5.60 -0.38
CA ASN B 50 6.20 -6.10 -1.49
C ASN B 50 5.20 -7.14 -1.00
N VAL B 51 4.08 -7.22 -1.72
CA VAL B 51 3.01 -8.17 -1.40
C VAL B 51 2.59 -8.84 -2.70
N GLU B 52 3.00 -10.09 -2.89
CA GLU B 52 2.67 -10.75 -4.14
C GLU B 52 1.28 -11.36 -4.05
N ASN B 53 0.77 -11.78 -5.21
CA ASN B 53 -0.56 -12.36 -5.29
C ASN B 53 -0.52 -13.54 -6.25
N ALA B 54 -1.42 -14.49 -6.03
CA ALA B 54 -1.49 -15.68 -6.89
C ALA B 54 -1.70 -15.30 -8.34
N SER B 55 -2.47 -14.24 -8.59
CA SER B 55 -2.52 -13.60 -9.89
C SER B 55 -1.37 -12.59 -9.92
N TYR B 56 -0.32 -12.93 -10.68
CA TYR B 56 0.95 -12.22 -10.56
C TYR B 56 0.76 -10.72 -10.76
N GLY B 57 -0.03 -10.35 -11.76
CA GLY B 57 -0.23 -8.96 -12.12
C GLY B 57 -0.92 -8.11 -11.06
N LEU B 58 -1.44 -8.71 -9.99
CA LEU B 58 -2.01 -7.94 -8.89
C LEU B 58 -1.00 -7.72 -7.76
N GLY B 59 0.24 -8.17 -7.94
CA GLY B 59 1.24 -7.97 -6.91
C GLY B 59 1.54 -6.49 -6.70
N LEU B 60 1.79 -6.12 -5.45
CA LEU B 60 2.13 -4.76 -5.10
C LEU B 60 3.62 -4.66 -4.77
N CYS B 61 4.30 -3.70 -5.41
CA CYS B 61 5.70 -3.49 -5.09
C CYS B 61 5.83 -2.86 -3.70
N ALA B 62 7.04 -2.93 -3.15
CA ALA B 62 7.30 -2.27 -1.87
C ALA B 62 7.03 -0.78 -1.96
N GLU B 63 7.34 -0.19 -3.11
CA GLU B 63 7.13 1.25 -3.30
C GLU B 63 5.64 1.58 -3.30
N CYS B 64 4.83 0.69 -3.86
CA CYS B 64 3.37 0.84 -3.75
C CYS B 64 2.94 0.92 -2.30
N GLY B 65 3.41 -0.02 -1.48
CA GLY B 65 3.07 0.02 -0.07
C GLY B 65 3.60 1.28 0.60
N LEU B 66 4.78 1.74 0.19
CA LEU B 66 5.35 2.95 0.77
C LEU B 66 4.49 4.16 0.45
N VAL B 67 4.02 4.27 -0.79
CA VAL B 67 3.18 5.41 -1.16
C VAL B 67 1.83 5.34 -0.47
N SER B 68 1.28 4.13 -0.29
CA SER B 68 0.05 4.02 0.49
C SER B 68 0.27 4.46 1.93
N ALA B 69 1.40 4.06 2.52
CA ALA B 69 1.74 4.45 3.89
C ALA B 69 2.02 5.94 4.02
N LEU B 70 2.51 6.57 2.95
CA LEU B 70 2.73 8.02 2.96
C LEU B 70 1.42 8.76 3.25
N PHE B 71 0.35 8.35 2.59
CA PHE B 71 -0.91 9.07 2.81
C PHE B 71 -1.63 8.59 4.06
N ALA B 72 -1.53 7.30 4.40
CA ALA B 72 -2.16 6.84 5.64
C ALA B 72 -1.58 7.55 6.86
N SER B 73 -0.34 8.03 6.78
CA SER B 73 0.31 8.69 7.91
C SER B 73 0.26 10.21 7.81
N GLY B 74 -0.47 10.77 6.85
CA GLY B 74 -0.69 12.20 6.80
C GLY B 74 -0.30 12.88 5.51
N GLY B 75 0.29 12.19 4.54
CA GLY B 75 0.66 12.83 3.29
C GLY B 75 1.99 13.56 3.39
N GLY B 76 2.26 14.36 2.36
CA GLY B 76 3.51 15.09 2.25
C GLY B 76 4.30 14.64 1.03
N ARG B 77 5.53 15.12 0.96
CA ARG B 77 6.41 14.90 -0.19
C ARG B 77 7.59 14.04 0.24
N LEU B 78 8.00 13.14 -0.65
CA LEU B 78 9.17 12.32 -0.38
C LEU B 78 10.43 13.11 -0.75
N THR B 79 11.45 13.01 0.10
CA THR B 79 12.72 13.66 -0.17
C THR B 79 13.89 12.69 -0.37
N ALA B 80 13.84 11.50 0.22
CA ALA B 80 14.90 10.52 0.04
C ALA B 80 14.27 9.13 0.02
N PHE B 81 14.85 8.23 -0.77
CA PHE B 81 14.25 6.93 -0.98
C PHE B 81 15.31 5.85 -1.08
N THR B 82 15.05 4.70 -0.47
CA THR B 82 15.93 3.56 -0.65
C THR B 82 15.10 2.28 -0.70
N CYS B 83 15.57 1.34 -1.50
CA CYS B 83 14.92 0.06 -1.71
C CYS B 83 15.98 -1.03 -1.62
N VAL B 84 15.65 -2.17 -0.99
CA VAL B 84 16.63 -3.23 -0.78
C VAL B 84 16.00 -4.58 -1.04
N ASP B 85 16.81 -5.53 -1.49
CA ASP B 85 16.33 -6.88 -1.73
C ASP B 85 16.62 -7.74 -0.51
N GLY B 86 16.40 -9.05 -0.65
CA GLY B 86 16.52 -9.97 0.47
C GLY B 86 17.94 -10.20 0.94
N LYS B 87 18.94 -9.76 0.17
CA LYS B 87 20.32 -9.76 0.60
C LYS B 87 20.73 -8.41 1.15
N GLY B 88 19.80 -7.48 1.28
CA GLY B 88 20.12 -6.15 1.73
C GLY B 88 20.82 -5.28 0.72
N GLU B 89 20.94 -5.73 -0.54
CA GLU B 89 21.56 -4.92 -1.57
C GLU B 89 20.55 -3.90 -2.12
N LEU B 90 21.09 -2.77 -2.54
CA LEU B 90 20.23 -1.67 -3.01
C LEU B 90 19.64 -2.00 -4.37
N LEU B 91 18.35 -1.70 -4.53
CA LEU B 91 17.62 -1.96 -5.76
C LEU B 91 17.11 -0.66 -6.37
N VAL B 92 17.18 -0.56 -7.69
CA VAL B 92 16.52 0.56 -8.37
C VAL B 92 15.06 0.20 -8.59
N PRO B 93 14.11 1.08 -8.26
CA PRO B 93 12.70 0.75 -8.45
C PRO B 93 12.39 0.46 -9.90
N CYS B 94 11.40 -0.39 -10.13
CA CYS B 94 10.93 -0.64 -11.49
C CYS B 94 10.28 0.61 -12.04
N GLY B 95 10.01 0.60 -13.35
CA GLY B 95 9.45 1.77 -14.01
C GLY B 95 8.13 2.24 -13.41
N ARG B 96 7.25 1.31 -13.04
CA ARG B 96 5.99 1.71 -12.42
C ARG B 96 6.25 2.47 -11.13
N CYS B 97 7.15 1.93 -10.30
CA CYS B 97 7.45 2.57 -9.03
C CYS B 97 8.18 3.90 -9.21
N ARG B 98 9.03 4.03 -10.22
CA ARG B 98 9.60 5.33 -10.53
C ARG B 98 8.51 6.36 -10.81
N GLN B 99 7.42 5.92 -11.47
CA GLN B 99 6.34 6.84 -11.78
C GLN B 99 5.58 7.22 -10.52
N LEU B 100 5.39 6.28 -9.59
CA LEU B 100 4.75 6.62 -8.32
C LEU B 100 5.59 7.60 -7.52
N LEU B 101 6.91 7.35 -7.47
CA LEU B 101 7.82 8.26 -6.76
C LEU B 101 7.84 9.63 -7.39
N HIS B 102 7.75 9.69 -8.72
CA HIS B 102 7.76 10.99 -9.37
C HIS B 102 6.58 11.83 -8.92
N GLU B 103 5.39 11.21 -8.84
CA GLU B 103 4.19 11.92 -8.42
C GLU B 103 4.35 12.52 -7.02
N HIS B 104 5.03 11.83 -6.11
CA HIS B 104 5.08 12.26 -4.72
C HIS B 104 6.45 12.76 -4.26
N GLY B 105 7.47 12.67 -5.10
CA GLY B 105 8.77 13.19 -4.73
C GLY B 105 9.36 14.09 -5.80
N GLY B 106 8.92 13.93 -7.04
CA GLY B 106 9.34 14.79 -8.12
C GLY B 106 10.75 14.52 -8.63
N PRO B 107 11.18 15.30 -9.59
CA PRO B 107 12.49 15.05 -10.22
C PRO B 107 13.67 15.10 -9.27
N ASP B 108 13.59 15.82 -8.16
CA ASP B 108 14.72 16.03 -7.27
C ASP B 108 14.74 15.08 -6.08
N LEU B 109 13.78 14.16 -5.99
CA LEU B 109 13.86 13.08 -5.03
C LEU B 109 15.19 12.33 -5.14
N LEU B 110 15.88 12.18 -4.01
CA LEU B 110 17.14 11.43 -4.01
C LEU B 110 16.86 9.93 -3.86
N VAL B 111 17.45 9.13 -4.74
CA VAL B 111 17.22 7.69 -4.80
C VAL B 111 18.55 6.98 -4.58
N ASP B 112 18.57 6.09 -3.59
CA ASP B 112 19.73 5.28 -3.23
C ASP B 112 19.89 4.15 -4.26
N THR B 113 20.98 4.13 -5.02
CA THR B 113 21.23 3.02 -5.94
C THR B 113 22.59 2.41 -5.66
N ALA B 114 22.77 1.17 -6.13
CA ALA B 114 24.04 0.48 -5.89
C ALA B 114 25.22 1.23 -6.49
N ALA B 115 24.97 2.02 -7.53
CA ALA B 115 26.00 2.83 -8.15
C ALA B 115 26.16 4.19 -7.49
N GLY B 116 25.31 4.52 -6.53
CA GLY B 116 25.36 5.80 -5.85
C GLY B 116 24.02 6.51 -5.87
N ILE B 117 23.94 7.55 -5.05
CA ILE B 117 22.71 8.32 -4.94
C ILE B 117 22.47 9.09 -6.23
N ARG B 118 21.23 9.07 -6.72
CA ARG B 118 20.83 9.67 -7.98
C ARG B 118 19.55 10.46 -7.76
N PRO B 119 19.40 11.62 -8.37
CA PRO B 119 18.08 12.25 -8.43
C PRO B 119 17.15 11.41 -9.28
N LEU B 120 15.87 11.41 -8.92
CA LEU B 120 14.90 10.63 -9.67
C LEU B 120 14.86 11.04 -11.14
N ALA B 121 15.13 12.31 -11.45
CA ALA B 121 15.13 12.75 -12.85
C ALA B 121 16.15 11.99 -13.68
N ALA B 122 17.25 11.53 -13.06
CA ALA B 122 18.24 10.75 -13.77
C ALA B 122 17.77 9.32 -14.03
N LEU B 123 16.75 8.87 -13.30
CA LEU B 123 16.19 7.53 -13.44
C LEU B 123 14.88 7.51 -14.22
N LEU B 124 14.18 8.62 -14.29
CA LEU B 124 12.93 8.73 -15.04
C LEU B 124 12.84 10.10 -15.67
N PRO B 125 13.57 10.33 -16.74
CA PRO B 125 13.52 11.66 -17.39
C PRO B 125 12.17 11.89 -18.05
N ASP B 126 11.81 13.17 -18.17
CA ASP B 126 10.67 13.61 -18.97
C ASP B 126 9.40 12.83 -18.58
N ALA B 127 9.03 12.97 -17.31
CA ALA B 127 7.92 12.19 -16.76
C ALA B 127 6.66 13.03 -16.59
ZN ZN C . -10.28 -1.86 -6.02
ZN ZN D . 7.98 -1.57 -8.72
#